data_5F9P
#
_entry.id   5F9P
#
_cell.length_a   90.273
_cell.length_b   90.273
_cell.length_c   94.745
_cell.angle_alpha   90.00
_cell.angle_beta   90.00
_cell.angle_gamma   120.00
#
_symmetry.space_group_name_H-M   'P 62'
#
loop_
_entity.id
_entity.type
_entity.pdbx_description
1 polymer 'Anthrone oxidase-like protein'
2 non-polymer GLYCEROL
3 water water
#
_entity_poly.entity_id   1
_entity_poly.type   'polypeptide(L)'
_entity_poly.pdbx_seq_one_letter_code
;PIISAEDKHLTVLNLFTTDTPEKQGKLIEE(MSE)TKIVDAATYEGW(MSE)SSTVHSGVDSHGTLNFIQWRSGEDLEKR
YAGEEFKHRTLPVFGEITTSIRL(MSE)QNEVAHTLTSDALGGKIEIGPGRDDYTVFTVFPVTPQGQDEALDALGPGQAF
LAQVPGFRAHVVLKGLRARGLEGAFVISYSQWDSKQAWEAYRDQAPQDQDEARKAAVGRVRAVVAGEPYSNTYQVVHTRS
AGEKLAAALEHHH
;
_entity_poly.pdbx_strand_id   A,B
#
# COMPACT_ATOMS: atom_id res chain seq x y z
N PRO A 1 1.16 6.40 7.85
CA PRO A 1 0.09 6.47 8.85
C PRO A 1 -1.26 6.08 8.24
N ILE A 2 -2.20 5.67 9.08
CA ILE A 2 -3.47 5.12 8.60
C ILE A 2 -4.61 6.08 8.93
N ILE A 3 -5.49 6.31 7.95
CA ILE A 3 -6.63 7.19 8.16
C ILE A 3 -7.93 6.41 8.04
N SER A 4 -8.86 6.62 8.96
CA SER A 4 -10.14 5.93 8.89
C SER A 4 -11.28 6.76 9.47
N ALA A 5 -12.49 6.55 8.95
CA ALA A 5 -13.65 7.28 9.44
C ALA A 5 -13.95 7.03 10.92
N GLU A 6 -13.46 5.91 11.46
CA GLU A 6 -13.66 5.59 12.88
C GLU A 6 -12.63 6.27 13.79
N ASP A 7 -11.68 6.99 13.19
CA ASP A 7 -10.71 7.74 13.97
C ASP A 7 -11.41 8.58 15.03
N LYS A 8 -10.96 8.47 16.27
CA LYS A 8 -11.54 9.26 17.35
C LYS A 8 -10.62 10.41 17.75
N HIS A 9 -9.42 10.42 17.16
CA HIS A 9 -8.46 11.47 17.43
C HIS A 9 -8.69 12.69 16.51
N LEU A 10 -7.89 13.72 16.71
CA LEU A 10 -8.01 14.97 15.97
C LEU A 10 -7.10 14.95 14.75
N THR A 11 -7.66 15.32 13.60
CA THR A 11 -6.86 15.40 12.39
C THR A 11 -6.51 16.85 12.07
N VAL A 12 -5.22 17.16 12.08
CA VAL A 12 -4.76 18.52 11.90
C VAL A 12 -4.02 18.66 10.57
N LEU A 13 -4.49 19.59 9.73
CA LEU A 13 -3.80 19.92 8.49
C LEU A 13 -3.23 21.33 8.53
N ASN A 14 -1.91 21.42 8.45
CA ASN A 14 -1.22 22.70 8.40
C ASN A 14 -0.88 23.01 6.94
N LEU A 15 -1.54 24.04 6.42
CA LEU A 15 -1.43 24.41 5.02
C LEU A 15 -0.64 25.70 4.87
N PHE A 16 0.41 25.64 4.05
CA PHE A 16 1.28 26.78 3.82
C PHE A 16 1.37 27.08 2.32
N THR A 17 1.24 28.36 1.96
CA THR A 17 1.45 28.80 0.58
C THR A 17 2.68 29.69 0.54
N THR A 18 3.40 29.67 -0.56
CA THR A 18 4.55 30.55 -0.72
C THR A 18 4.73 30.92 -2.19
N ASP A 19 5.70 31.79 -2.50
CA ASP A 19 5.79 32.34 -3.85
C ASP A 19 7.07 32.01 -4.65
N THR A 20 7.99 31.25 -4.07
CA THR A 20 9.15 30.78 -4.83
C THR A 20 9.46 29.34 -4.45
N PRO A 21 10.07 28.60 -5.38
CA PRO A 21 10.45 27.21 -5.10
C PRO A 21 11.53 27.16 -4.03
N GLU A 22 12.30 28.23 -3.86
CA GLU A 22 13.34 28.25 -2.82
C GLU A 22 12.71 28.30 -1.44
N LYS A 23 11.67 29.11 -1.29
CA LYS A 23 10.96 29.17 -0.02
C LYS A 23 10.21 27.87 0.25
N GLN A 24 9.76 27.19 -0.80
CA GLN A 24 9.15 25.87 -0.61
C GLN A 24 10.15 24.87 -0.05
N GLY A 25 11.34 24.84 -0.61
CA GLY A 25 12.36 23.93 -0.10
C GLY A 25 12.68 24.22 1.36
N LYS A 26 12.72 25.50 1.69
CA LYS A 26 13.00 25.94 3.06
C LYS A 26 11.87 25.55 4.00
N LEU A 27 10.62 25.72 3.55
CA LEU A 27 9.47 25.24 4.29
C LEU A 27 9.57 23.75 4.59
N ILE A 28 9.90 22.96 3.58
CA ILE A 28 10.00 21.52 3.74
C ILE A 28 11.03 21.18 4.81
N GLU A 29 12.17 21.84 4.74
CA GLU A 29 13.26 21.58 5.69
C GLU A 29 12.89 21.96 7.12
N GLU A 30 12.25 23.11 7.31
CA GLU A 30 11.80 23.52 8.63
C GLU A 30 10.71 22.61 9.18
N THR A 32 10.31 19.55 8.46
CA THR A 32 10.91 18.24 8.71
C THR A 32 11.72 18.20 10.02
N LYS A 33 12.39 19.30 10.34
CA LYS A 33 13.07 19.43 11.63
C LYS A 33 12.10 19.24 12.78
N ILE A 34 10.94 19.89 12.69
CA ILE A 34 9.91 19.79 13.73
C ILE A 34 9.36 18.35 13.86
N VAL A 35 9.07 17.72 12.73
CA VAL A 35 8.63 16.33 12.74
C VAL A 35 9.67 15.41 13.39
N ASP A 36 10.93 15.57 13.00
CA ASP A 36 11.97 14.66 13.44
C ASP A 36 12.25 14.78 14.95
N ALA A 37 12.00 15.97 15.49
CA ALA A 37 12.18 16.22 16.92
C ALA A 37 10.89 16.03 17.73
N ALA A 38 9.77 15.79 17.06
CA ALA A 38 8.47 15.71 17.72
C ALA A 38 8.39 14.64 18.81
N THR A 39 8.13 15.08 20.04
CA THR A 39 7.87 14.19 21.19
C THR A 39 6.66 14.66 22.03
N TYR A 40 5.85 15.56 21.48
CA TYR A 40 4.69 16.09 22.21
C TYR A 40 3.78 14.99 22.71
N GLU A 41 3.33 15.13 23.95
CA GLU A 41 2.31 14.22 24.46
C GLU A 41 1.11 14.28 23.52
N GLY A 42 0.61 13.10 23.12
CA GLY A 42 -0.56 13.02 22.28
C GLY A 42 -0.29 13.09 20.78
N TRP A 43 0.91 13.52 20.40
CA TRP A 43 1.26 13.60 18.97
C TRP A 43 1.40 12.19 18.41
N SER A 45 1.39 11.35 14.65
CA SER A 45 2.14 11.27 13.40
C SER A 45 2.01 12.58 12.64
N SER A 46 2.98 12.81 11.74
CA SER A 46 2.95 13.93 10.80
C SER A 46 3.40 13.40 9.45
N THR A 47 2.77 13.90 8.39
CA THR A 47 3.11 13.51 7.03
C THR A 47 3.27 14.77 6.19
N VAL A 48 4.49 15.04 5.74
CA VAL A 48 4.83 16.28 5.07
C VAL A 48 4.62 16.16 3.55
N HIS A 49 3.93 17.14 2.98
CA HIS A 49 3.63 17.15 1.53
C HIS A 49 4.28 18.34 0.87
N SER A 50 4.85 18.11 -0.33
CA SER A 50 5.50 19.14 -1.12
C SER A 50 4.65 19.53 -2.32
N GLY A 51 4.35 20.81 -2.48
CA GLY A 51 3.42 21.26 -3.52
C GLY A 51 3.92 21.03 -4.94
N VAL A 52 3.00 20.62 -5.84
CA VAL A 52 3.34 20.36 -7.25
C VAL A 52 2.75 21.41 -8.20
N ASP A 53 1.43 21.55 -8.23
CA ASP A 53 0.78 22.57 -9.06
C ASP A 53 1.31 23.98 -8.76
N SER A 54 1.34 24.36 -7.49
CA SER A 54 1.80 25.69 -7.11
C SER A 54 2.62 25.58 -5.84
N HIS A 55 3.42 26.61 -5.54
CA HIS A 55 4.33 26.56 -4.40
C HIS A 55 3.59 26.55 -3.08
N GLY A 56 3.98 25.64 -2.21
CA GLY A 56 3.44 25.58 -0.86
C GLY A 56 3.68 24.20 -0.33
N THR A 57 3.25 23.96 0.91
CA THR A 57 3.39 22.65 1.55
C THR A 57 2.15 22.35 2.39
N LEU A 58 2.06 21.11 2.85
CA LEU A 58 0.95 20.67 3.68
C LEU A 58 1.45 19.61 4.64
N ASN A 59 1.14 19.77 5.92
CA ASN A 59 1.37 18.74 6.91
C ASN A 59 0.05 18.11 7.35
N PHE A 60 -0.05 16.80 7.18
CA PHE A 60 -1.22 16.04 7.62
C PHE A 60 -0.84 15.38 8.94
N ILE A 61 -1.43 15.86 10.03
CA ILE A 61 -0.97 15.53 11.39
C ILE A 61 -2.06 14.88 12.25
N GLN A 62 -1.72 13.81 12.95
CA GLN A 62 -2.65 13.14 13.85
C GLN A 62 -2.35 13.42 15.32
N TRP A 63 -3.37 13.82 16.07
CA TRP A 63 -3.24 14.19 17.48
C TRP A 63 -4.29 13.42 18.29
N ARG A 64 -3.91 12.92 19.46
CA ARG A 64 -4.85 12.19 20.30
C ARG A 64 -6.08 13.05 20.64
N SER A 65 -5.87 14.31 20.98
CA SER A 65 -6.97 15.21 21.34
C SER A 65 -6.56 16.68 21.17
N GLY A 66 -7.56 17.57 21.13
CA GLY A 66 -7.30 18.99 21.01
C GLY A 66 -6.49 19.53 22.18
N GLU A 67 -6.71 18.94 23.34
CA GLU A 67 -6.00 19.34 24.55
C GLU A 67 -4.48 19.14 24.37
N ASP A 68 -4.10 18.02 23.78
CA ASP A 68 -2.69 17.78 23.48
C ASP A 68 -2.16 18.79 22.47
N LEU A 69 -2.92 19.05 21.42
CA LEU A 69 -2.51 20.04 20.42
C LEU A 69 -2.28 21.43 21.02
N GLU A 70 -3.17 21.86 21.90
CA GLU A 70 -3.08 23.19 22.49
C GLU A 70 -1.81 23.33 23.33
N LYS A 71 -1.42 22.25 24.00
CA LYS A 71 -0.18 22.23 24.76
C LYS A 71 1.00 22.53 23.84
N ARG A 72 0.97 21.97 22.64
CA ARG A 72 2.00 22.30 21.66
C ARG A 72 1.97 23.78 21.26
N TYR A 73 0.77 24.30 21.02
CA TYR A 73 0.60 25.69 20.62
C TYR A 73 1.09 26.63 21.72
N ALA A 74 1.07 26.14 22.96
CA ALA A 74 1.49 26.97 24.09
C ALA A 74 3.00 26.91 24.33
N GLY A 75 3.66 25.98 23.64
CA GLY A 75 5.11 25.84 23.75
C GLY A 75 5.86 27.04 23.21
N GLU A 76 7.05 27.31 23.78
CA GLU A 76 7.83 28.48 23.40
C GLU A 76 8.50 28.40 22.02
N GLU A 77 8.92 27.20 21.61
CA GLU A 77 9.51 27.06 20.28
C GLU A 77 8.48 27.43 19.24
N PHE A 78 7.28 26.87 19.39
CA PHE A 78 6.21 27.13 18.44
C PHE A 78 5.90 28.62 18.33
N LYS A 79 5.74 29.26 19.48
CA LYS A 79 5.36 30.67 19.50
C LYS A 79 6.45 31.60 18.96
N HIS A 80 7.70 31.35 19.36
CA HIS A 80 8.77 32.33 19.14
C HIS A 80 9.75 31.94 18.03
N ARG A 81 9.77 30.67 17.67
CA ARG A 81 10.62 30.24 16.56
C ARG A 81 9.79 29.84 15.36
N THR A 82 8.92 28.86 15.55
CA THR A 82 8.20 28.26 14.44
C THR A 82 7.32 29.21 13.64
N LEU A 83 6.41 29.91 14.33
CA LEU A 83 5.49 30.82 13.66
C LEU A 83 6.19 31.97 12.93
N PRO A 84 7.10 32.68 13.62
CA PRO A 84 7.83 33.77 12.99
C PRO A 84 8.73 33.29 11.82
N VAL A 85 9.39 32.15 11.96
CA VAL A 85 10.19 31.60 10.86
C VAL A 85 9.30 31.27 9.66
N PHE A 86 8.22 30.56 9.93
CA PHE A 86 7.30 30.21 8.85
C PHE A 86 6.67 31.46 8.25
N GLY A 87 6.34 32.43 9.09
CA GLY A 87 5.76 33.67 8.64
C GLY A 87 6.60 34.32 7.56
N GLU A 88 7.92 34.24 7.71
CA GLU A 88 8.85 34.91 6.81
C GLU A 88 8.99 34.24 5.43
N ILE A 89 8.62 32.97 5.33
CA ILE A 89 8.75 32.28 4.05
C ILE A 89 7.44 31.83 3.43
N THR A 90 6.33 32.37 3.92
CA THR A 90 5.00 32.01 3.41
C THR A 90 4.19 33.24 3.04
N THR A 91 3.21 33.04 2.17
CA THR A 91 2.28 34.09 1.84
C THR A 91 1.01 33.89 2.66
N SER A 92 0.80 32.67 3.12
CA SER A 92 -0.28 32.39 4.06
C SER A 92 -0.04 31.12 4.89
N ILE A 93 -0.71 31.05 6.03
CA ILE A 93 -0.64 29.93 6.94
C ILE A 93 -2.05 29.63 7.43
N ARG A 94 -2.47 28.38 7.28
CA ARG A 94 -3.75 27.93 7.81
C ARG A 94 -3.55 26.63 8.58
N LEU A 95 -3.86 26.66 9.87
CA LEU A 95 -3.70 25.48 10.71
C LEU A 95 -5.09 25.00 11.06
N GLN A 97 -8.11 22.28 12.16
CA GLN A 97 -8.46 21.12 12.97
C GLN A 97 -9.72 20.48 12.42
N ASN A 98 -9.68 19.16 12.23
CA ASN A 98 -10.74 18.44 11.53
C ASN A 98 -11.08 17.12 12.18
N GLU A 99 -12.24 16.60 11.81
CA GLU A 99 -12.55 15.21 12.06
C GLU A 99 -12.77 14.54 10.71
N VAL A 100 -12.52 13.24 10.65
CA VAL A 100 -12.67 12.51 9.40
C VAL A 100 -14.14 12.22 9.21
N ALA A 101 -14.71 12.63 8.09
CA ALA A 101 -16.14 12.43 7.88
C ALA A 101 -16.41 11.18 7.03
N HIS A 102 -15.49 10.87 6.13
CA HIS A 102 -15.75 9.82 5.16
C HIS A 102 -14.44 9.34 4.53
N THR A 103 -14.37 8.03 4.28
CA THR A 103 -13.28 7.48 3.46
C THR A 103 -13.85 6.59 2.36
N LEU A 104 -13.12 6.54 1.26
CA LEU A 104 -13.46 5.68 0.15
C LEU A 104 -12.15 5.19 -0.44
N THR A 105 -12.07 3.91 -0.79
CA THR A 105 -10.91 3.43 -1.54
C THR A 105 -11.35 2.77 -2.82
N SER A 106 -10.41 2.62 -3.74
CA SER A 106 -10.68 1.95 -5.00
C SER A 106 -11.31 0.57 -4.82
N ASP A 107 -11.07 -0.05 -3.67
CA ASP A 107 -11.50 -1.44 -3.47
C ASP A 107 -12.61 -1.60 -2.43
N ALA A 108 -12.76 -0.62 -1.54
CA ALA A 108 -13.76 -0.72 -0.49
C ALA A 108 -14.42 0.61 -0.13
N LEU A 109 -15.75 0.61 -0.11
CA LEU A 109 -16.48 1.71 0.52
C LEU A 109 -16.03 1.79 1.99
N GLY A 110 -15.59 2.97 2.42
CA GLY A 110 -15.12 3.17 3.79
C GLY A 110 -13.84 2.43 4.13
N GLY A 111 -13.03 2.11 3.12
CA GLY A 111 -11.78 1.40 3.35
C GLY A 111 -10.77 2.30 4.05
N LYS A 112 -9.80 1.71 4.74
CA LYS A 112 -8.77 2.52 5.41
C LYS A 112 -7.75 3.06 4.41
N ILE A 113 -7.23 4.22 4.73
CA ILE A 113 -6.35 4.92 3.82
C ILE A 113 -4.97 5.04 4.45
N GLU A 114 -3.95 4.78 3.65
CA GLU A 114 -2.58 4.91 4.12
C GLU A 114 -1.88 6.04 3.38
N ILE A 115 -1.16 6.87 4.12
CA ILE A 115 -0.36 7.93 3.51
C ILE A 115 1.12 7.75 3.89
N GLY A 116 2.01 8.09 2.97
CA GLY A 116 3.43 7.85 3.18
C GLY A 116 4.25 8.01 1.91
N PRO A 117 5.55 8.33 2.05
CA PRO A 117 6.40 8.63 0.88
C PRO A 117 6.61 7.41 0.00
N GLY A 118 6.42 6.22 0.57
CA GLY A 118 6.65 4.98 -0.17
C GLY A 118 5.57 4.57 -1.15
N ARG A 119 4.39 5.18 -1.07
CA ARG A 119 3.27 4.79 -1.92
C ARG A 119 3.32 5.47 -3.29
N ASP A 120 4.04 6.57 -3.37
CA ASP A 120 4.02 7.40 -4.57
C ASP A 120 2.61 7.84 -4.97
N ASP A 121 1.78 8.14 -3.98
CA ASP A 121 0.47 8.72 -4.23
C ASP A 121 0.59 10.14 -4.76
N TYR A 122 0.06 10.39 -5.96
CA TYR A 122 -0.17 11.76 -6.40
C TYR A 122 -1.36 12.31 -5.60
N THR A 123 -1.11 13.34 -4.78
CA THR A 123 -2.08 13.72 -3.77
C THR A 123 -2.76 15.03 -4.14
N VAL A 124 -4.07 15.01 -4.06
CA VAL A 124 -4.89 16.14 -4.51
C VAL A 124 -5.71 16.71 -3.36
N PHE A 125 -5.61 18.01 -3.14
CA PHE A 125 -6.14 18.66 -1.93
C PHE A 125 -6.98 19.90 -2.27
N THR A 126 -8.13 20.01 -1.62
CA THR A 126 -8.97 21.20 -1.73
C THR A 126 -9.62 21.48 -0.38
N VAL A 127 -9.54 22.73 0.06
CA VAL A 127 -10.31 23.17 1.22
C VAL A 127 -11.39 24.09 0.72
N PHE A 128 -12.65 23.73 1.00
CA PHE A 128 -13.81 24.52 0.57
C PHE A 128 -14.38 25.30 1.74
N PRO A 129 -14.37 26.63 1.65
CA PRO A 129 -15.19 27.36 2.63
C PRO A 129 -16.65 27.13 2.24
N VAL A 130 -17.50 26.84 3.20
CA VAL A 130 -18.92 26.58 2.91
C VAL A 130 -19.82 27.40 3.82
N THR A 131 -21.08 27.51 3.46
CA THR A 131 -22.05 28.18 4.31
C THR A 131 -22.26 27.28 5.51
N PRO A 132 -22.50 27.88 6.68
CA PRO A 132 -22.80 27.10 7.88
C PRO A 132 -24.05 26.28 7.62
N GLN A 133 -25.03 26.88 6.94
CA GLN A 133 -26.23 26.16 6.56
C GLN A 133 -25.92 24.94 5.69
N GLY A 134 -24.96 25.07 4.78
CA GLY A 134 -24.72 24.02 3.81
C GLY A 134 -23.59 23.03 4.10
N GLN A 135 -22.99 23.10 5.28
CA GLN A 135 -21.86 22.22 5.58
C GLN A 135 -22.16 20.72 5.45
N ASP A 136 -23.27 20.26 6.04
CA ASP A 136 -23.60 18.85 5.98
C ASP A 136 -23.88 18.40 4.56
N GLU A 137 -24.47 19.28 3.78
CA GLU A 137 -24.72 19.02 2.38
C GLU A 137 -23.40 18.78 1.64
N ALA A 138 -22.44 19.68 1.85
CA ALA A 138 -21.11 19.56 1.26
C ALA A 138 -20.45 18.22 1.60
N LEU A 139 -20.53 17.85 2.88
CA LEU A 139 -19.91 16.62 3.35
C LEU A 139 -20.56 15.40 2.71
N ASP A 140 -21.88 15.41 2.64
CA ASP A 140 -22.59 14.31 2.02
C ASP A 140 -22.25 14.20 0.53
N ALA A 141 -22.22 15.35 -0.16
CA ALA A 141 -21.90 15.36 -1.59
C ALA A 141 -20.50 14.86 -1.88
N LEU A 142 -19.52 15.29 -1.08
CA LEU A 142 -18.11 14.96 -1.32
C LEU A 142 -17.81 13.51 -1.00
N GLY A 143 -18.46 12.99 0.05
CA GLY A 143 -18.17 11.66 0.53
C GLY A 143 -19.04 10.63 -0.18
N PRO A 144 -20.17 10.25 0.44
CA PRO A 144 -21.10 9.28 -0.16
C PRO A 144 -21.50 9.67 -1.58
N GLY A 145 -21.62 10.96 -1.82
CA GLY A 145 -21.99 11.46 -3.14
C GLY A 145 -21.03 11.07 -4.25
N GLN A 146 -19.79 10.77 -3.89
CA GLN A 146 -18.78 10.43 -4.88
C GLN A 146 -18.30 8.97 -4.85
N ALA A 147 -19.21 8.06 -4.53
CA ALA A 147 -18.89 6.65 -4.57
C ALA A 147 -18.36 6.26 -5.96
N PHE A 148 -18.77 6.97 -7.00
CA PHE A 148 -18.35 6.63 -8.36
C PHE A 148 -16.83 6.68 -8.52
N LEU A 149 -16.16 7.43 -7.66
CA LEU A 149 -14.71 7.62 -7.80
C LEU A 149 -13.97 6.29 -7.80
N ALA A 150 -14.44 5.34 -7.00
CA ALA A 150 -13.77 4.05 -6.86
C ALA A 150 -13.62 3.31 -8.19
N GLN A 151 -14.42 3.68 -9.20
CA GLN A 151 -14.31 3.06 -10.50
C GLN A 151 -13.63 3.94 -11.55
N VAL A 152 -13.17 5.13 -11.12
CA VAL A 152 -12.38 5.98 -11.99
C VAL A 152 -10.95 5.42 -12.12
N PRO A 153 -10.43 5.33 -13.36
CA PRO A 153 -9.09 4.78 -13.58
C PRO A 153 -8.01 5.62 -12.91
N GLY A 154 -7.19 4.98 -12.08
CA GLY A 154 -6.06 5.66 -11.45
C GLY A 154 -6.42 6.22 -10.09
N PHE A 155 -7.70 6.16 -9.75
CA PHE A 155 -8.12 6.65 -8.45
C PHE A 155 -7.72 5.63 -7.39
N ARG A 156 -7.15 6.09 -6.29
CA ARG A 156 -6.77 5.19 -5.20
C ARG A 156 -7.63 5.33 -3.95
N ALA A 157 -7.85 6.57 -3.51
CA ALA A 157 -8.55 6.80 -2.24
C ALA A 157 -9.03 8.23 -2.07
N HIS A 158 -10.02 8.40 -1.19
CA HIS A 158 -10.57 9.72 -0.91
C HIS A 158 -10.91 9.85 0.56
N VAL A 159 -10.39 10.91 1.17
CA VAL A 159 -10.72 11.27 2.55
C VAL A 159 -11.50 12.59 2.55
N VAL A 160 -12.61 12.63 3.26
CA VAL A 160 -13.36 13.88 3.41
C VAL A 160 -13.30 14.30 4.86
N LEU A 161 -12.83 15.51 5.11
CA LEU A 161 -12.74 16.01 6.47
C LEU A 161 -13.72 17.14 6.73
N LYS A 162 -14.30 17.14 7.92
CA LYS A 162 -15.15 18.23 8.39
C LYS A 162 -14.31 19.18 9.24
N GLY A 163 -14.28 20.44 8.85
CA GLY A 163 -13.53 21.43 9.58
C GLY A 163 -14.19 21.72 10.92
N LEU A 164 -13.40 21.65 11.99
CA LEU A 164 -13.87 21.94 13.35
C LEU A 164 -13.60 23.38 13.77
N ARG A 165 -12.39 23.85 13.50
CA ARG A 165 -11.96 25.20 13.84
C ARG A 165 -10.58 25.38 13.22
N ALA A 166 -10.09 26.62 13.14
CA ALA A 166 -8.86 26.84 12.41
C ALA A 166 -8.19 28.14 12.81
N ARG A 167 -6.86 28.18 12.71
CA ARG A 167 -6.14 29.44 12.84
C ARG A 167 -5.76 29.90 11.46
N GLY A 168 -6.19 31.10 11.09
CA GLY A 168 -5.87 31.64 9.79
C GLY A 168 -6.98 31.41 8.78
N LEU A 169 -8.09 30.83 9.25
CA LEU A 169 -9.25 30.60 8.40
C LEU A 169 -10.50 30.72 9.27
N GLU A 170 -11.46 31.52 8.82
CA GLU A 170 -12.69 31.69 9.57
C GLU A 170 -13.90 31.15 8.83
N GLY A 171 -14.93 30.78 9.58
CA GLY A 171 -16.16 30.26 8.99
C GLY A 171 -16.07 28.76 8.87
N ALA A 172 -17.12 28.16 8.30
CA ALA A 172 -17.18 26.71 8.15
C ALA A 172 -16.34 26.28 6.96
N PHE A 173 -15.79 25.07 7.03
CA PHE A 173 -15.02 24.56 5.90
C PHE A 173 -14.99 23.03 5.87
N VAL A 174 -14.78 22.48 4.69
CA VAL A 174 -14.62 21.03 4.56
C VAL A 174 -13.45 20.80 3.63
N ILE A 175 -12.92 19.58 3.63
CA ILE A 175 -11.71 19.30 2.89
C ILE A 175 -11.85 18.01 2.13
N SER A 176 -11.36 18.03 0.91
CA SER A 176 -11.28 16.85 0.07
C SER A 176 -9.82 16.48 -0.09
N TYR A 177 -9.45 15.26 0.26
CA TYR A 177 -8.05 14.81 0.16
C TYR A 177 -8.05 13.45 -0.55
N SER A 178 -7.52 13.42 -1.77
CA SER A 178 -7.55 12.20 -2.57
C SER A 178 -6.16 11.75 -3.06
N GLN A 179 -6.05 10.45 -3.33
CA GLN A 179 -4.83 9.82 -3.83
C GLN A 179 -5.02 9.21 -5.22
N TRP A 180 -4.02 9.39 -6.09
CA TRP A 180 -4.11 8.99 -7.48
C TRP A 180 -2.83 8.26 -7.92
N ASP A 181 -2.91 7.46 -8.98
CA ASP A 181 -1.77 6.70 -9.49
C ASP A 181 -0.65 7.62 -9.94
N SER A 182 -1.03 8.76 -10.49
CA SER A 182 -0.08 9.65 -11.12
C SER A 182 -0.70 11.02 -11.39
N LYS A 183 0.16 11.99 -11.69
CA LYS A 183 -0.29 13.30 -12.14
C LYS A 183 -1.19 13.11 -13.36
N GLN A 184 -0.77 12.21 -14.24
CA GLN A 184 -1.46 11.98 -15.51
C GLN A 184 -2.86 11.43 -15.31
N ALA A 185 -3.00 10.42 -14.46
CA ALA A 185 -4.31 9.87 -14.14
C ALA A 185 -5.23 10.92 -13.51
N TRP A 186 -4.68 11.74 -12.62
CA TRP A 186 -5.49 12.79 -11.99
C TRP A 186 -6.00 13.80 -13.01
N GLU A 187 -5.11 14.30 -13.85
CA GLU A 187 -5.49 15.38 -14.76
C GLU A 187 -6.44 14.89 -15.84
N ALA A 188 -6.31 13.61 -16.22
CA ALA A 188 -7.27 13.00 -17.13
C ALA A 188 -8.68 13.06 -16.54
N TYR A 189 -8.81 12.69 -15.27
CA TYR A 189 -10.10 12.81 -14.59
C TYR A 189 -10.52 14.26 -14.42
N ARG A 190 -9.65 15.07 -13.83
CA ARG A 190 -9.94 16.48 -13.58
C ARG A 190 -10.55 17.14 -14.81
N ASP A 191 -9.97 16.84 -15.98
CA ASP A 191 -10.27 17.57 -17.20
C ASP A 191 -11.32 16.92 -18.08
N GLN A 192 -12.02 15.90 -17.58
CA GLN A 192 -13.08 15.28 -18.36
C GLN A 192 -14.02 16.36 -18.87
N ALA A 193 -14.43 16.24 -20.13
CA ALA A 193 -15.47 17.11 -20.69
C ALA A 193 -16.82 16.57 -20.24
N PRO A 194 -17.87 17.39 -20.34
CA PRO A 194 -19.21 17.03 -19.87
C PRO A 194 -19.68 15.69 -20.38
N GLN A 195 -19.37 15.37 -21.63
CA GLN A 195 -19.77 14.08 -22.19
C GLN A 195 -19.13 12.89 -21.48
N ASP A 196 -17.95 13.12 -20.88
CA ASP A 196 -17.22 12.00 -20.28
C ASP A 196 -17.33 11.91 -18.78
N GLN A 197 -17.93 12.93 -18.17
CA GLN A 197 -18.16 12.92 -16.73
C GLN A 197 -19.37 12.04 -16.39
N ASP A 198 -19.22 11.26 -15.33
CA ASP A 198 -20.35 10.55 -14.74
C ASP A 198 -21.41 11.56 -14.26
N GLU A 199 -22.69 11.21 -14.38
CA GLU A 199 -23.73 12.14 -13.93
C GLU A 199 -23.71 12.28 -12.41
N ALA A 200 -23.25 11.25 -11.72
CA ALA A 200 -23.08 11.32 -10.26
C ALA A 200 -21.97 12.32 -9.90
N ARG A 201 -20.97 12.44 -10.77
CA ARG A 201 -19.94 13.47 -10.55
C ARG A 201 -20.54 14.86 -10.64
N LYS A 202 -21.30 15.10 -11.71
CA LYS A 202 -21.96 16.40 -11.92
C LYS A 202 -22.87 16.79 -10.76
N ALA A 203 -23.55 15.79 -10.21
CA ALA A 203 -24.46 16.03 -9.10
C ALA A 203 -23.68 16.38 -7.84
N ALA A 204 -22.61 15.62 -7.57
CA ALA A 204 -21.80 15.90 -6.38
C ALA A 204 -21.23 17.30 -6.46
N VAL A 205 -20.60 17.61 -7.60
CA VAL A 205 -19.99 18.91 -7.83
C VAL A 205 -21.02 20.04 -7.74
N GLY A 206 -22.21 19.81 -8.29
CA GLY A 206 -23.26 20.82 -8.28
C GLY A 206 -23.75 21.15 -6.88
N ARG A 207 -23.82 20.12 -6.03
CA ARG A 207 -24.22 20.29 -4.64
C ARG A 207 -23.18 21.09 -3.86
N VAL A 208 -21.91 20.75 -4.02
CA VAL A 208 -20.86 21.53 -3.37
C VAL A 208 -20.86 22.97 -3.88
N ARG A 209 -20.92 23.15 -5.19
CA ARG A 209 -20.93 24.48 -5.80
C ARG A 209 -22.02 25.38 -5.19
N ALA A 210 -23.16 24.79 -4.88
CA ALA A 210 -24.28 25.57 -4.32
C ALA A 210 -23.97 26.17 -2.95
N VAL A 211 -23.08 25.54 -2.20
CA VAL A 211 -22.84 25.97 -0.82
C VAL A 211 -21.43 26.47 -0.53
N VAL A 212 -20.60 26.57 -1.56
CA VAL A 212 -19.28 27.20 -1.43
C VAL A 212 -19.42 28.70 -1.12
N ALA A 213 -18.70 29.17 -0.11
CA ALA A 213 -18.86 30.53 0.38
C ALA A 213 -17.54 31.29 0.32
N GLY A 214 -16.98 31.43 -0.87
CA GLY A 214 -15.65 32.02 -0.99
C GLY A 214 -14.79 31.20 -1.92
N GLU A 215 -13.57 31.65 -2.18
CA GLU A 215 -12.68 30.94 -3.09
C GLU A 215 -12.11 29.70 -2.40
N PRO A 216 -12.34 28.52 -2.99
CA PRO A 216 -11.67 27.34 -2.42
C PRO A 216 -10.18 27.40 -2.72
N TYR A 217 -9.37 26.69 -1.93
CA TYR A 217 -7.95 26.56 -2.22
C TYR A 217 -7.66 25.11 -2.60
N SER A 218 -7.09 24.91 -3.77
CA SER A 218 -6.69 23.57 -4.14
C SER A 218 -5.22 23.53 -4.55
N ASN A 219 -4.60 22.37 -4.38
CA ASN A 219 -3.21 22.18 -4.81
C ASN A 219 -2.96 20.68 -4.88
N THR A 220 -1.85 20.29 -5.50
CA THR A 220 -1.51 18.89 -5.59
C THR A 220 -0.15 18.73 -4.93
N TYR A 221 0.19 17.52 -4.52
CA TYR A 221 1.38 17.32 -3.67
C TYR A 221 2.04 15.98 -3.92
N GLN A 222 3.33 15.92 -3.61
CA GLN A 222 4.03 14.66 -3.41
C GLN A 222 4.27 14.50 -1.90
N VAL A 223 4.07 13.31 -1.37
CA VAL A 223 4.40 13.09 0.05
C VAL A 223 5.89 12.87 0.13
N VAL A 224 6.57 13.63 0.98
CA VAL A 224 8.03 13.58 1.02
C VAL A 224 8.63 13.10 2.34
N HIS A 225 7.80 13.01 3.39
CA HIS A 225 8.32 12.65 4.71
C HIS A 225 7.17 12.30 5.64
N THR A 226 7.35 11.23 6.40
CA THR A 226 6.39 10.85 7.42
C THR A 226 7.12 10.24 8.63
N ARG A 227 6.56 10.47 9.81
CA ARG A 227 7.10 9.95 11.06
C ARG A 227 5.97 9.77 12.09
N SER A 228 6.04 8.71 12.91
CA SER A 228 5.04 8.49 13.96
C SER A 228 5.64 8.60 15.35
N ALA A 229 4.78 8.71 16.37
CA ALA A 229 5.24 8.83 17.77
C ALA A 229 6.36 7.81 18.07
N GLY A 230 7.49 8.29 18.56
CA GLY A 230 8.57 7.43 18.98
C GLY A 230 9.31 6.72 17.87
N GLU A 231 8.96 7.00 16.62
CA GLU A 231 9.62 6.31 15.51
C GLU A 231 11.06 6.79 15.39
N LYS A 232 11.97 5.84 15.22
CA LYS A 232 13.40 6.18 15.08
C LYS A 232 13.70 6.49 13.61
N LEU A 233 13.39 7.70 13.20
CA LEU A 233 13.51 8.09 11.81
C LEU A 233 13.74 9.60 11.76
N ALA A 234 14.65 10.06 10.90
CA ALA A 234 14.94 11.49 10.77
C ALA A 234 15.64 11.79 9.43
N ALA A 235 15.39 12.99 8.89
CA ALA A 235 16.08 13.46 7.67
C ALA A 235 17.41 14.12 8.00
N ALA A 236 17.70 14.28 9.30
CA ALA A 236 18.96 14.89 9.76
C ALA A 236 19.38 14.30 11.11
N LEU A 237 20.69 14.29 11.36
CA LEU A 237 21.23 13.70 12.58
C LEU A 237 20.98 14.56 13.81
N GLU A 238 21.21 15.87 13.69
CA GLU A 238 21.22 16.74 14.86
C GLU A 238 19.87 17.35 15.16
N HIS A 239 19.43 17.24 16.41
CA HIS A 239 18.26 17.98 16.90
C HIS A 239 18.48 19.48 16.63
N HIS A 240 17.42 20.21 16.31
CA HIS A 240 17.57 21.59 15.83
C HIS A 240 17.36 22.69 16.88
N HIS A 241 16.80 22.32 18.03
CA HIS A 241 16.35 23.31 19.02
C HIS A 241 16.76 22.95 20.45
N PRO B 1 -2.84 -11.62 3.80
CA PRO B 1 -2.32 -10.49 3.03
C PRO B 1 -1.25 -9.62 3.69
N ILE B 2 -0.91 -9.81 4.95
CA ILE B 2 0.33 -9.19 5.45
C ILE B 2 1.39 -10.27 5.72
N ILE B 3 2.59 -10.08 5.17
CA ILE B 3 3.66 -11.06 5.27
C ILE B 3 4.80 -10.48 6.09
N SER B 4 5.30 -11.25 7.06
CA SER B 4 6.39 -10.77 7.89
C SER B 4 7.33 -11.92 8.28
N ALA B 5 8.63 -11.64 8.32
CA ALA B 5 9.59 -12.67 8.72
C ALA B 5 9.44 -13.03 10.20
N GLU B 6 8.96 -12.07 10.98
CA GLU B 6 8.78 -12.27 12.41
C GLU B 6 7.41 -12.89 12.75
N ASP B 7 6.75 -13.48 11.76
CA ASP B 7 5.45 -14.09 11.99
C ASP B 7 5.57 -15.29 12.94
N LYS B 8 4.44 -15.95 13.20
CA LYS B 8 4.40 -17.15 14.01
C LYS B 8 4.07 -18.34 13.12
N HIS B 9 3.35 -18.06 12.05
CA HIS B 9 2.59 -19.08 11.36
C HIS B 9 3.28 -19.78 10.19
N LEU B 10 2.55 -20.71 9.57
CA LEU B 10 3.07 -21.53 8.50
C LEU B 10 2.59 -20.99 7.15
N THR B 11 3.51 -20.81 6.21
CA THR B 11 3.15 -20.28 4.92
C THR B 11 3.08 -21.41 3.90
N VAL B 12 1.91 -21.58 3.30
CA VAL B 12 1.73 -22.64 2.33
C VAL B 12 1.59 -22.04 0.93
N LEU B 13 2.34 -22.59 -0.01
CA LEU B 13 2.19 -22.21 -1.40
C LEU B 13 1.72 -23.41 -2.22
N ASN B 14 0.51 -23.31 -2.75
CA ASN B 14 0.02 -24.32 -3.68
C ASN B 14 0.29 -23.88 -5.11
N LEU B 15 1.12 -24.65 -5.79
CA LEU B 15 1.53 -24.32 -7.15
C LEU B 15 0.88 -25.31 -8.12
N PHE B 16 0.20 -24.78 -9.13
CA PHE B 16 -0.48 -25.61 -10.11
C PHE B 16 -0.02 -25.20 -11.51
N THR B 17 0.27 -26.17 -12.37
CA THR B 17 0.51 -25.87 -13.77
C THR B 17 -0.57 -26.55 -14.58
N THR B 18 -0.89 -25.99 -15.75
CA THR B 18 -1.84 -26.66 -16.64
C THR B 18 -1.47 -26.29 -18.07
N ASP B 19 -2.24 -26.77 -19.05
CA ASP B 19 -1.81 -26.63 -20.44
C ASP B 19 -2.81 -25.93 -21.37
N THR B 20 -3.89 -25.37 -20.82
CA THR B 20 -4.77 -24.56 -21.64
C THR B 20 -5.30 -23.36 -20.84
N PRO B 21 -5.59 -22.26 -21.53
CA PRO B 21 -6.20 -21.11 -20.85
C PRO B 21 -7.52 -21.50 -20.20
N GLU B 22 -8.28 -22.40 -20.82
CA GLU B 22 -9.57 -22.83 -20.25
C GLU B 22 -9.40 -23.56 -18.92
N LYS B 23 -8.37 -24.40 -18.85
CA LYS B 23 -8.11 -25.14 -17.62
C LYS B 23 -7.63 -24.22 -16.51
N GLN B 24 -6.81 -23.22 -16.86
CA GLN B 24 -6.43 -22.22 -15.87
C GLN B 24 -7.67 -21.51 -15.32
N GLY B 25 -8.62 -21.20 -16.19
CA GLY B 25 -9.86 -20.57 -15.77
C GLY B 25 -10.65 -21.44 -14.81
N LYS B 26 -10.70 -22.74 -15.08
CA LYS B 26 -11.38 -23.66 -14.19
C LYS B 26 -10.66 -23.77 -12.84
N LEU B 27 -9.33 -23.75 -12.89
CA LEU B 27 -8.52 -23.79 -11.68
C LEU B 27 -8.85 -22.61 -10.79
N ILE B 28 -8.83 -21.41 -11.36
CA ILE B 28 -9.16 -20.21 -10.60
C ILE B 28 -10.54 -20.36 -9.96
N GLU B 29 -11.52 -20.79 -10.75
CA GLU B 29 -12.86 -21.01 -10.23
C GLU B 29 -12.89 -22.00 -9.07
N GLU B 30 -12.24 -23.15 -9.25
CA GLU B 30 -12.26 -24.18 -8.21
C GLU B 30 -11.54 -23.68 -6.96
N THR B 32 -11.17 -20.51 -5.96
CA THR B 32 -11.94 -19.46 -5.31
C THR B 32 -13.11 -20.05 -4.53
N LYS B 33 -13.73 -21.11 -5.06
CA LYS B 33 -14.80 -21.79 -4.35
C LYS B 33 -14.32 -22.25 -2.99
N ILE B 34 -13.16 -22.90 -2.99
CA ILE B 34 -12.59 -23.41 -1.76
C ILE B 34 -12.29 -22.25 -0.79
N VAL B 35 -11.68 -21.18 -1.30
CA VAL B 35 -11.35 -20.05 -0.44
C VAL B 35 -12.60 -19.44 0.19
N ASP B 36 -13.60 -19.19 -0.64
CA ASP B 36 -14.81 -18.54 -0.17
C ASP B 36 -15.57 -19.36 0.88
N ALA B 37 -15.41 -20.69 0.84
CA ALA B 37 -16.07 -21.60 1.79
C ALA B 37 -15.21 -21.99 2.99
N ALA B 38 -13.93 -21.62 2.99
CA ALA B 38 -12.99 -22.08 4.02
C ALA B 38 -13.34 -21.67 5.44
N THR B 39 -13.47 -22.65 6.32
CA THR B 39 -13.70 -22.41 7.74
C THR B 39 -12.69 -23.17 8.61
N TYR B 40 -11.74 -23.86 7.96
CA TYR B 40 -10.79 -24.73 8.66
C TYR B 40 -10.19 -24.12 9.90
N GLU B 41 -10.17 -24.91 10.97
CA GLU B 41 -9.45 -24.54 12.17
C GLU B 41 -7.98 -24.29 11.80
N GLY B 42 -7.49 -23.09 12.10
CA GLY B 42 -6.11 -22.77 11.80
C GLY B 42 -5.92 -22.00 10.50
N TRP B 43 -6.89 -22.07 9.59
CA TRP B 43 -6.77 -21.35 8.32
C TRP B 43 -6.88 -19.84 8.53
N SER B 45 -5.61 -17.23 5.96
CA SER B 45 -5.89 -16.50 4.71
C SER B 45 -5.41 -17.24 3.46
N SER B 46 -5.99 -16.90 2.32
CA SER B 46 -5.55 -17.41 1.02
C SER B 46 -5.53 -16.27 0.00
N THR B 47 -4.54 -16.28 -0.88
CA THR B 47 -4.45 -15.30 -1.93
C THR B 47 -4.21 -16.05 -3.24
N VAL B 48 -5.20 -15.99 -4.14
CA VAL B 48 -5.19 -16.72 -5.40
C VAL B 48 -4.52 -15.91 -6.50
N HIS B 49 -3.59 -16.55 -7.22
CA HIS B 49 -2.81 -15.91 -8.28
C HIS B 49 -3.10 -16.59 -9.64
N SER B 50 -3.22 -15.79 -10.69
CA SER B 50 -3.44 -16.32 -12.04
C SER B 50 -2.20 -16.16 -12.93
N GLY B 51 -1.70 -17.29 -13.45
CA GLY B 51 -0.47 -17.30 -14.23
C GLY B 51 -0.49 -16.33 -15.40
N VAL B 52 0.64 -15.66 -15.66
CA VAL B 52 0.77 -14.75 -16.80
C VAL B 52 1.77 -15.27 -17.84
N ASP B 53 3.01 -15.48 -17.45
CA ASP B 53 4.01 -16.01 -18.39
C ASP B 53 3.59 -17.35 -19.00
N SER B 54 3.23 -18.31 -18.15
CA SER B 54 2.74 -19.61 -18.60
C SER B 54 1.48 -19.99 -17.83
N HIS B 55 0.72 -20.95 -18.36
CA HIS B 55 -0.55 -21.34 -17.75
C HIS B 55 -0.36 -22.02 -16.40
N GLY B 56 -1.09 -21.52 -15.40
CA GLY B 56 -1.02 -22.11 -14.08
C GLY B 56 -1.61 -21.15 -13.07
N THR B 57 -1.56 -21.56 -11.81
CA THR B 57 -2.06 -20.74 -10.73
C THR B 57 -1.20 -21.00 -9.52
N LEU B 58 -1.34 -20.12 -8.53
CA LEU B 58 -0.64 -20.24 -7.28
C LEU B 58 -1.58 -19.72 -6.20
N ASN B 59 -1.66 -20.45 -5.09
CA ASN B 59 -2.35 -19.97 -3.91
C ASN B 59 -1.35 -19.73 -2.78
N PHE B 60 -1.35 -18.51 -2.24
CA PHE B 60 -0.48 -18.15 -1.13
C PHE B 60 -1.35 -18.16 0.13
N ILE B 61 -1.08 -19.11 1.02
CA ILE B 61 -1.98 -19.42 2.14
C ILE B 61 -1.28 -19.36 3.50
N GLN B 62 -1.97 -18.82 4.49
CA GLN B 62 -1.44 -18.75 5.85
C GLN B 62 -2.21 -19.67 6.78
N TRP B 63 -1.47 -20.52 7.50
CA TRP B 63 -2.01 -21.45 8.49
C TRP B 63 -1.40 -21.20 9.88
N ARG B 64 -2.19 -21.37 10.92
CA ARG B 64 -1.69 -21.23 12.27
C ARG B 64 -0.50 -22.19 12.51
N SER B 65 -0.67 -23.45 12.13
CA SER B 65 0.39 -24.41 12.34
C SER B 65 0.29 -25.57 11.37
N GLY B 66 1.34 -26.38 11.32
CA GLY B 66 1.36 -27.55 10.47
C GLY B 66 0.35 -28.59 10.90
N GLU B 67 0.06 -28.62 12.19
CA GLU B 67 -0.93 -29.57 12.69
C GLU B 67 -2.30 -29.31 12.06
N ASP B 68 -2.67 -28.04 12.00
CA ASP B 68 -3.96 -27.66 11.40
C ASP B 68 -4.01 -28.05 9.94
N LEU B 69 -2.94 -27.73 9.21
CA LEU B 69 -2.88 -28.01 7.79
C LEU B 69 -3.06 -29.51 7.52
N GLU B 70 -2.35 -30.33 8.29
CA GLU B 70 -2.44 -31.78 8.12
C GLU B 70 -3.82 -32.31 8.45
N LYS B 71 -4.57 -31.57 9.26
CA LYS B 71 -5.98 -31.92 9.50
C LYS B 71 -6.82 -31.69 8.24
N ARG B 72 -6.62 -30.55 7.57
CA ARG B 72 -7.30 -30.33 6.29
C ARG B 72 -6.96 -31.44 5.31
N TYR B 73 -5.66 -31.69 5.13
CA TYR B 73 -5.16 -32.71 4.21
C TYR B 73 -5.74 -34.10 4.46
N ALA B 74 -6.06 -34.38 5.71
CA ALA B 74 -6.54 -35.70 6.12
C ALA B 74 -8.03 -35.87 5.89
N GLY B 75 -8.73 -34.75 5.78
CA GLY B 75 -10.17 -34.75 5.60
C GLY B 75 -10.60 -35.36 4.27
N GLU B 76 -11.79 -35.98 4.29
CA GLU B 76 -12.32 -36.63 3.10
C GLU B 76 -12.52 -35.66 1.95
N GLU B 77 -12.93 -34.43 2.26
CA GLU B 77 -13.17 -33.45 1.22
C GLU B 77 -11.90 -33.21 0.39
N PHE B 78 -10.78 -33.03 1.06
CA PHE B 78 -9.52 -32.78 0.36
C PHE B 78 -9.06 -33.98 -0.45
N LYS B 79 -9.08 -35.14 0.17
CA LYS B 79 -8.65 -36.38 -0.47
C LYS B 79 -9.53 -36.82 -1.62
N HIS B 80 -10.84 -36.67 -1.48
CA HIS B 80 -11.75 -37.28 -2.45
C HIS B 80 -12.52 -36.31 -3.31
N ARG B 81 -12.43 -35.03 -3.01
CA ARG B 81 -13.01 -34.03 -3.91
C ARG B 81 -11.92 -33.11 -4.46
N THR B 82 -11.29 -32.34 -3.57
CA THR B 82 -10.37 -31.29 -3.99
C THR B 82 -9.22 -31.82 -4.86
N LEU B 83 -8.51 -32.83 -4.35
CA LEU B 83 -7.33 -33.30 -5.09
C LEU B 83 -7.68 -33.89 -6.45
N PRO B 84 -8.64 -34.84 -6.49
CA PRO B 84 -9.04 -35.41 -7.79
C PRO B 84 -9.53 -34.35 -8.77
N VAL B 85 -10.30 -33.37 -8.27
CA VAL B 85 -10.84 -32.32 -9.14
C VAL B 85 -9.68 -31.53 -9.74
N PHE B 86 -8.70 -31.21 -8.90
CA PHE B 86 -7.52 -30.45 -9.33
C PHE B 86 -6.72 -31.26 -10.34
N GLY B 87 -6.50 -32.54 -10.01
CA GLY B 87 -5.73 -33.42 -10.86
C GLY B 87 -6.28 -33.47 -12.28
N GLU B 88 -7.60 -33.42 -12.41
CA GLU B 88 -8.24 -33.48 -13.72
C GLU B 88 -7.90 -32.29 -14.62
N ILE B 89 -7.55 -31.15 -14.03
CA ILE B 89 -7.33 -29.93 -14.81
C ILE B 89 -5.92 -29.34 -14.71
N THR B 90 -4.96 -30.12 -14.22
CA THR B 90 -3.59 -29.65 -14.09
C THR B 90 -2.60 -30.61 -14.75
N THR B 91 -1.38 -30.14 -14.99
CA THR B 91 -0.30 -31.03 -15.42
C THR B 91 0.61 -31.35 -14.24
N SER B 92 0.60 -30.50 -13.22
CA SER B 92 1.36 -30.78 -12.02
C SER B 92 0.78 -30.06 -10.82
N ILE B 93 1.01 -30.64 -9.65
CA ILE B 93 0.58 -30.05 -8.40
C ILE B 93 1.73 -30.11 -7.40
N ARG B 94 2.02 -28.98 -6.76
CA ARG B 94 3.02 -28.96 -5.70
C ARG B 94 2.51 -28.14 -4.53
N LEU B 95 2.40 -28.78 -3.39
CA LEU B 95 1.87 -28.14 -2.18
C LEU B 95 3.03 -28.02 -1.18
N GLN B 97 5.11 -26.36 2.10
CA GLN B 97 5.07 -25.69 3.40
C GLN B 97 6.40 -24.97 3.63
N ASN B 98 6.30 -23.72 4.07
CA ASN B 98 7.45 -22.86 4.13
C ASN B 98 7.44 -22.00 5.38
N GLU B 99 8.58 -21.43 5.71
CA GLU B 99 8.59 -20.31 6.64
C GLU B 99 9.20 -19.10 5.96
N VAL B 100 8.72 -17.93 6.34
CA VAL B 100 9.24 -16.69 5.79
C VAL B 100 10.60 -16.46 6.41
N ALA B 101 11.62 -16.31 5.58
CA ALA B 101 12.98 -16.19 6.08
C ALA B 101 13.42 -14.75 6.05
N HIS B 102 12.94 -14.02 5.05
CA HIS B 102 13.36 -12.64 4.86
C HIS B 102 12.29 -11.84 4.15
N THR B 103 12.19 -10.55 4.43
CA THR B 103 11.40 -9.64 3.62
C THR B 103 12.18 -8.38 3.32
N LEU B 104 11.88 -7.78 2.18
CA LEU B 104 12.48 -6.50 1.81
C LEU B 104 11.42 -5.69 1.08
N THR B 105 11.33 -4.40 1.36
CA THR B 105 10.50 -3.52 0.56
C THR B 105 11.34 -2.40 -0.01
N SER B 106 10.76 -1.71 -0.98
CA SER B 106 11.41 -0.59 -1.63
C SER B 106 11.86 0.46 -0.61
N ASP B 107 11.23 0.46 0.56
CA ASP B 107 11.53 1.50 1.54
C ASP B 107 12.12 1.03 2.88
N ALA B 108 12.18 -0.28 3.11
CA ALA B 108 12.62 -0.79 4.40
C ALA B 108 13.19 -2.21 4.36
N LEU B 109 14.40 -2.37 4.92
CA LEU B 109 14.93 -3.70 5.20
C LEU B 109 13.95 -4.39 6.14
N GLY B 110 13.55 -5.61 5.81
CA GLY B 110 12.61 -6.34 6.64
C GLY B 110 11.25 -5.66 6.77
N GLY B 111 10.92 -4.78 5.84
CA GLY B 111 9.62 -4.14 5.85
C GLY B 111 8.53 -5.18 5.65
N LYS B 112 7.37 -4.97 6.26
CA LYS B 112 6.25 -5.90 6.13
C LYS B 112 5.62 -5.77 4.74
N ILE B 113 5.08 -6.88 4.25
CA ILE B 113 4.64 -6.92 2.86
C ILE B 113 3.16 -7.26 2.76
N GLU B 114 2.46 -6.58 1.87
CA GLU B 114 1.03 -6.84 1.70
C GLU B 114 0.70 -7.41 0.33
N ILE B 115 -0.08 -8.47 0.31
CA ILE B 115 -0.57 -9.02 -0.95
C ILE B 115 -2.08 -8.90 -1.01
N GLY B 116 -2.60 -8.61 -2.20
CA GLY B 116 -4.03 -8.43 -2.38
C GLY B 116 -4.36 -8.03 -3.80
N PRO B 117 -5.59 -8.31 -4.24
CA PRO B 117 -5.97 -7.98 -5.63
C PRO B 117 -6.04 -6.47 -5.90
N GLY B 118 -6.23 -5.68 -4.86
CA GLY B 118 -6.35 -4.23 -4.99
C GLY B 118 -5.04 -3.54 -5.36
N ARG B 119 -3.98 -3.93 -4.68
CA ARG B 119 -2.65 -3.57 -5.12
C ARG B 119 -2.63 -4.05 -6.57
N ASP B 120 -1.79 -3.49 -7.42
CA ASP B 120 -1.70 -4.14 -8.72
C ASP B 120 -0.29 -4.64 -8.95
N ASP B 121 0.13 -5.52 -8.05
CA ASP B 121 1.49 -6.06 -8.05
C ASP B 121 1.65 -7.07 -9.17
N TYR B 122 2.55 -6.80 -10.11
CA TYR B 122 3.00 -7.84 -11.02
C TYR B 122 3.87 -8.76 -10.20
N THR B 123 3.44 -10.01 -10.05
CA THR B 123 4.07 -10.88 -9.06
C THR B 123 4.97 -11.90 -9.73
N VAL B 124 6.20 -12.00 -9.26
CA VAL B 124 7.19 -12.87 -9.88
C VAL B 124 7.59 -13.94 -8.89
N PHE B 125 7.55 -15.19 -9.34
CA PHE B 125 7.70 -16.35 -8.45
C PHE B 125 8.73 -17.35 -8.98
N THR B 126 9.67 -17.74 -8.11
CA THR B 126 10.58 -18.84 -8.44
C THR B 126 10.75 -19.81 -7.28
N VAL B 127 10.67 -21.10 -7.58
CA VAL B 127 11.07 -22.11 -6.60
C VAL B 127 12.39 -22.74 -7.03
N PHE B 128 13.35 -22.76 -6.11
CA PHE B 128 14.70 -23.25 -6.41
C PHE B 128 14.96 -24.53 -5.63
N PRO B 129 15.11 -25.66 -6.32
CA PRO B 129 15.61 -26.83 -5.60
C PRO B 129 17.09 -26.60 -5.27
N VAL B 130 17.49 -26.87 -4.04
CA VAL B 130 18.85 -26.63 -3.62
C VAL B 130 19.41 -27.81 -2.82
N THR B 131 20.74 -27.84 -2.66
CA THR B 131 21.38 -28.87 -1.85
C THR B 131 21.11 -28.58 -0.38
N PRO B 132 20.96 -29.64 0.44
CA PRO B 132 20.73 -29.45 1.88
C PRO B 132 21.74 -28.44 2.42
N GLN B 133 22.98 -28.61 1.99
CA GLN B 133 24.07 -27.81 2.47
C GLN B 133 24.02 -26.38 1.96
N GLY B 134 23.37 -26.17 0.82
CA GLY B 134 23.31 -24.84 0.23
C GLY B 134 22.03 -24.08 0.54
N GLN B 135 21.09 -24.72 1.22
CA GLN B 135 19.83 -24.05 1.53
C GLN B 135 20.01 -22.71 2.23
N ASP B 136 20.82 -22.67 3.27
CA ASP B 136 21.01 -21.43 4.02
C ASP B 136 21.79 -20.41 3.21
N GLU B 137 22.75 -20.90 2.44
CA GLU B 137 23.47 -20.06 1.50
C GLU B 137 22.47 -19.38 0.54
N ALA B 138 21.57 -20.18 -0.02
CA ALA B 138 20.58 -19.66 -0.98
C ALA B 138 19.65 -18.63 -0.34
N LEU B 139 19.15 -18.94 0.86
CA LEU B 139 18.34 -17.97 1.60
C LEU B 139 19.08 -16.69 1.82
N ASP B 140 20.33 -16.79 2.25
CA ASP B 140 21.14 -15.59 2.52
C ASP B 140 21.33 -14.76 1.25
N ALA B 141 21.65 -15.43 0.14
CA ALA B 141 21.92 -14.73 -1.12
C ALA B 141 20.67 -14.03 -1.64
N LEU B 142 19.55 -14.75 -1.64
CA LEU B 142 18.27 -14.22 -2.12
C LEU B 142 17.76 -13.07 -1.27
N GLY B 143 17.99 -13.15 0.04
CA GLY B 143 17.43 -12.19 0.98
C GLY B 143 18.30 -10.97 1.17
N PRO B 144 19.12 -10.97 2.25
CA PRO B 144 20.08 -9.89 2.52
C PRO B 144 20.95 -9.61 1.29
N GLY B 145 21.36 -10.68 0.62
CA GLY B 145 22.22 -10.57 -0.55
C GLY B 145 21.68 -9.62 -1.59
N GLN B 146 20.35 -9.46 -1.62
CA GLN B 146 19.73 -8.64 -2.66
C GLN B 146 19.09 -7.35 -2.13
N ALA B 147 19.71 -6.74 -1.13
CA ALA B 147 19.24 -5.46 -0.63
C ALA B 147 19.21 -4.42 -1.77
N PHE B 148 20.09 -4.60 -2.75
CA PHE B 148 20.17 -3.67 -3.87
C PHE B 148 18.84 -3.53 -4.59
N LEU B 149 17.98 -4.55 -4.47
CA LEU B 149 16.66 -4.53 -5.12
C LEU B 149 15.86 -3.30 -4.75
N ALA B 150 15.99 -2.86 -3.50
CA ALA B 150 15.21 -1.76 -3.00
C ALA B 150 15.35 -0.52 -3.88
N GLN B 151 16.49 -0.39 -4.55
CA GLN B 151 16.75 0.76 -5.42
C GLN B 151 16.49 0.52 -6.91
N VAL B 152 16.04 -0.67 -7.26
CA VAL B 152 15.68 -0.97 -8.65
C VAL B 152 14.34 -0.32 -9.03
N PRO B 153 14.30 0.36 -10.19
CA PRO B 153 13.06 1.00 -10.68
C PRO B 153 11.93 -0.01 -10.88
N GLY B 154 10.79 0.25 -10.25
CA GLY B 154 9.64 -0.64 -10.37
C GLY B 154 9.53 -1.69 -9.27
N PHE B 155 10.62 -1.92 -8.55
CA PHE B 155 10.60 -2.90 -7.46
C PHE B 155 9.74 -2.42 -6.29
N ARG B 156 8.96 -3.33 -5.74
CA ARG B 156 8.12 -3.01 -4.60
C ARG B 156 8.51 -3.80 -3.37
N ALA B 157 8.67 -5.12 -3.55
CA ALA B 157 8.89 -6.00 -2.42
C ALA B 157 9.44 -7.36 -2.81
N HIS B 158 10.12 -7.99 -1.87
CA HIS B 158 10.68 -9.33 -2.05
C HIS B 158 10.50 -10.14 -0.78
N VAL B 159 9.93 -11.33 -0.95
CA VAL B 159 9.78 -12.28 0.14
C VAL B 159 10.58 -13.52 -0.19
N VAL B 160 11.46 -13.93 0.72
CA VAL B 160 12.22 -15.16 0.56
C VAL B 160 11.68 -16.21 1.54
N LEU B 161 11.29 -17.37 1.03
CA LEU B 161 10.82 -18.42 1.91
C LEU B 161 11.76 -19.62 1.96
N LYS B 162 11.85 -20.20 3.16
CA LYS B 162 12.59 -21.44 3.39
C LYS B 162 11.62 -22.60 3.29
N GLY B 163 11.87 -23.47 2.32
CA GLY B 163 11.04 -24.66 2.14
C GLY B 163 11.23 -25.61 3.32
N LEU B 164 10.11 -26.11 3.85
CA LEU B 164 10.16 -27.03 4.98
C LEU B 164 9.81 -28.43 4.50
N ARG B 165 8.76 -28.50 3.69
CA ARG B 165 8.19 -29.77 3.26
C ARG B 165 7.27 -29.56 2.06
N ALA B 166 7.18 -30.55 1.18
CA ALA B 166 6.28 -30.44 0.03
C ALA B 166 5.66 -31.77 -0.34
N ARG B 167 4.43 -31.70 -0.85
CA ARG B 167 3.86 -32.80 -1.61
C ARG B 167 4.10 -32.49 -3.08
N GLY B 168 4.62 -33.47 -3.82
CA GLY B 168 4.86 -33.29 -5.24
C GLY B 168 6.21 -32.67 -5.52
N LEU B 169 7.03 -32.53 -4.48
CA LEU B 169 8.38 -31.98 -4.62
C LEU B 169 9.26 -32.57 -3.53
N GLU B 170 10.36 -33.22 -3.90
CA GLU B 170 11.30 -33.79 -2.92
C GLU B 170 12.59 -32.99 -2.86
N GLY B 171 13.20 -32.91 -1.68
CA GLY B 171 14.49 -32.25 -1.53
C GLY B 171 14.37 -30.85 -0.96
N ALA B 172 15.51 -30.25 -0.61
CA ALA B 172 15.51 -28.91 -0.05
C ALA B 172 15.10 -27.92 -1.13
N PHE B 173 14.36 -26.89 -0.75
CA PHE B 173 13.97 -25.85 -1.70
C PHE B 173 13.84 -24.48 -1.03
N VAL B 174 13.98 -23.42 -1.81
CA VAL B 174 13.75 -22.06 -1.34
C VAL B 174 12.95 -21.33 -2.40
N ILE B 175 12.24 -20.29 -1.99
CA ILE B 175 11.34 -19.58 -2.91
C ILE B 175 11.62 -18.08 -2.90
N SER B 176 11.61 -17.51 -4.09
CA SER B 176 11.67 -16.06 -4.29
C SER B 176 10.30 -15.58 -4.76
N TYR B 177 9.70 -14.65 -4.03
CA TYR B 177 8.38 -14.11 -4.37
C TYR B 177 8.49 -12.58 -4.36
N SER B 178 8.42 -11.96 -5.54
CA SER B 178 8.59 -10.51 -5.59
C SER B 178 7.43 -9.77 -6.24
N GLN B 179 7.34 -8.48 -5.94
CA GLN B 179 6.27 -7.61 -6.42
C GLN B 179 6.84 -6.43 -7.21
N TRP B 180 6.24 -6.14 -8.36
CA TRP B 180 6.74 -5.09 -9.23
C TRP B 180 5.63 -4.18 -9.69
N ASP B 181 5.98 -2.96 -10.12
CA ASP B 181 4.98 -2.00 -10.61
C ASP B 181 4.20 -2.56 -11.78
N SER B 182 4.86 -3.37 -12.60
CA SER B 182 4.26 -3.81 -13.85
C SER B 182 5.13 -4.83 -14.53
N LYS B 183 4.54 -5.49 -15.52
CA LYS B 183 5.27 -6.45 -16.33
C LYS B 183 6.50 -5.78 -16.91
N GLN B 184 6.30 -4.58 -17.44
CA GLN B 184 7.37 -3.81 -18.07
C GLN B 184 8.54 -3.54 -17.12
N ALA B 185 8.22 -3.06 -15.92
CA ALA B 185 9.23 -2.80 -14.91
C ALA B 185 9.99 -4.07 -14.55
N TRP B 186 9.28 -5.18 -14.41
CA TRP B 186 9.94 -6.44 -14.09
C TRP B 186 10.87 -6.91 -15.21
N GLU B 187 10.35 -6.94 -16.43
CA GLU B 187 11.10 -7.47 -17.55
C GLU B 187 12.33 -6.60 -17.86
N ALA B 188 12.23 -5.30 -17.62
CA ALA B 188 13.38 -4.41 -17.79
C ALA B 188 14.50 -4.82 -16.85
N TYR B 189 14.14 -5.16 -15.61
CA TYR B 189 15.12 -5.65 -14.65
C TYR B 189 15.60 -7.06 -14.99
N ARG B 190 14.66 -7.95 -15.26
CA ARG B 190 15.00 -9.32 -15.61
C ARG B 190 16.02 -9.37 -16.75
N ASP B 191 15.79 -8.53 -17.75
CA ASP B 191 16.59 -8.59 -18.97
C ASP B 191 17.80 -7.66 -19.02
N GLN B 192 18.23 -7.15 -17.87
CA GLN B 192 19.43 -6.31 -17.79
C GLN B 192 20.64 -7.01 -18.38
N ALA B 193 21.33 -6.32 -19.29
CA ALA B 193 22.60 -6.80 -19.79
C ALA B 193 23.65 -6.72 -18.68
N PRO B 194 24.72 -7.51 -18.80
CA PRO B 194 25.79 -7.54 -17.79
C PRO B 194 26.33 -6.18 -17.38
N GLN B 195 26.43 -5.24 -18.32
CA GLN B 195 26.94 -3.91 -17.98
C GLN B 195 26.00 -3.16 -17.05
N ASP B 196 24.71 -3.48 -17.10
CA ASP B 196 23.72 -2.73 -16.35
C ASP B 196 23.30 -3.41 -15.06
N GLN B 197 23.87 -4.58 -14.81
CA GLN B 197 23.56 -5.30 -13.56
C GLN B 197 24.48 -4.84 -12.45
N ASP B 198 23.93 -4.72 -11.24
CA ASP B 198 24.76 -4.46 -10.07
C ASP B 198 25.60 -5.70 -9.81
N GLU B 199 26.85 -5.53 -9.38
CA GLU B 199 27.69 -6.68 -9.06
C GLU B 199 27.12 -7.52 -7.90
N ALA B 200 26.38 -6.88 -6.99
CA ALA B 200 25.68 -7.57 -5.91
C ALA B 200 24.64 -8.55 -6.46
N ARG B 201 23.99 -8.17 -7.55
CA ARG B 201 23.02 -9.05 -8.19
C ARG B 201 23.71 -10.32 -8.68
N LYS B 202 24.82 -10.14 -9.39
CA LYS B 202 25.60 -11.26 -9.93
C LYS B 202 26.10 -12.19 -8.83
N ALA B 203 26.59 -11.62 -7.73
CA ALA B 203 27.01 -12.43 -6.60
C ALA B 203 25.83 -13.24 -6.06
N ALA B 204 24.67 -12.59 -5.94
CA ALA B 204 23.48 -13.24 -5.40
C ALA B 204 23.04 -14.37 -6.30
N VAL B 205 22.89 -14.06 -7.58
CA VAL B 205 22.51 -15.07 -8.55
C VAL B 205 23.59 -16.15 -8.65
N GLY B 206 24.85 -15.74 -8.53
CA GLY B 206 25.93 -16.69 -8.62
C GLY B 206 25.93 -17.67 -7.46
N ARG B 207 25.62 -17.16 -6.27
CA ARG B 207 25.58 -18.02 -5.09
C ARG B 207 24.41 -19.02 -5.16
N VAL B 208 23.25 -18.57 -5.62
CA VAL B 208 22.13 -19.49 -5.76
C VAL B 208 22.41 -20.56 -6.81
N ARG B 209 22.89 -20.13 -7.97
CA ARG B 209 23.23 -21.03 -9.06
C ARG B 209 24.17 -22.14 -8.57
N ALA B 210 25.11 -21.78 -7.71
CA ALA B 210 26.09 -22.73 -7.19
C ALA B 210 25.51 -23.85 -6.31
N VAL B 211 24.33 -23.63 -5.74
CA VAL B 211 23.75 -24.65 -4.85
C VAL B 211 22.48 -25.28 -5.41
N VAL B 212 22.08 -24.86 -6.61
CA VAL B 212 20.90 -25.39 -7.28
C VAL B 212 21.07 -26.88 -7.53
N ALA B 213 20.02 -27.66 -7.32
CA ALA B 213 20.14 -29.10 -7.37
C ALA B 213 18.99 -29.74 -8.15
N GLY B 214 18.53 -29.06 -9.19
CA GLY B 214 17.41 -29.52 -9.99
C GLY B 214 16.95 -28.37 -10.87
N GLU B 215 15.85 -28.54 -11.59
CA GLU B 215 15.37 -27.43 -12.41
C GLU B 215 14.45 -26.53 -11.59
N PRO B 216 14.80 -25.23 -11.52
CA PRO B 216 13.94 -24.24 -10.86
C PRO B 216 12.66 -24.06 -11.66
N TYR B 217 11.58 -23.68 -10.98
CA TYR B 217 10.36 -23.33 -11.69
C TYR B 217 10.07 -21.85 -11.48
N SER B 218 9.80 -21.14 -12.59
CA SER B 218 9.46 -19.73 -12.52
C SER B 218 8.17 -19.42 -13.26
N ASN B 219 7.40 -18.48 -12.72
CA ASN B 219 6.23 -17.98 -13.43
C ASN B 219 5.87 -16.62 -12.88
N THR B 220 5.08 -15.88 -13.62
CA THR B 220 4.62 -14.58 -13.17
C THR B 220 3.12 -14.65 -13.02
N TYR B 221 2.56 -13.77 -12.19
CA TYR B 221 1.16 -13.87 -11.82
C TYR B 221 0.51 -12.51 -11.60
N GLN B 222 -0.81 -12.49 -11.78
CA GLN B 222 -1.67 -11.43 -11.28
C GLN B 222 -2.42 -11.97 -10.06
N VAL B 223 -2.56 -11.16 -9.01
CA VAL B 223 -3.35 -11.57 -7.86
C VAL B 223 -4.82 -11.34 -8.15
N VAL B 224 -5.66 -12.37 -8.04
CA VAL B 224 -7.03 -12.24 -8.49
C VAL B 224 -8.07 -12.34 -7.37
N HIS B 225 -7.65 -12.77 -6.20
CA HIS B 225 -8.63 -13.03 -5.14
C HIS B 225 -7.90 -13.23 -3.82
N THR B 226 -8.42 -12.60 -2.78
CA THR B 226 -7.93 -12.85 -1.43
C THR B 226 -9.07 -12.82 -0.43
N ARG B 227 -8.94 -13.63 0.62
CA ARG B 227 -9.92 -13.70 1.68
C ARG B 227 -9.23 -14.17 2.97
N SER B 228 -9.57 -13.55 4.10
CA SER B 228 -9.03 -13.99 5.39
C SER B 228 -10.09 -14.67 6.24
N ALA B 229 -9.65 -15.33 7.30
CA ALA B 229 -10.56 -16.09 8.15
C ALA B 229 -11.71 -15.18 8.55
N GLY B 230 -12.93 -15.66 8.30
CA GLY B 230 -14.12 -14.98 8.77
C GLY B 230 -14.54 -13.79 7.94
N GLU B 231 -13.70 -13.39 7.00
CA GLU B 231 -13.98 -12.23 6.17
C GLU B 231 -15.18 -12.49 5.26
N LYS B 232 -16.14 -11.59 5.30
CA LYS B 232 -17.37 -11.75 4.54
C LYS B 232 -17.15 -11.26 3.11
N LEU B 233 -16.55 -12.15 2.30
CA LEU B 233 -16.19 -11.81 0.93
C LEU B 233 -16.23 -13.08 0.08
N ALA B 234 -16.73 -12.98 -1.14
CA ALA B 234 -16.84 -14.16 -2.00
C ALA B 234 -16.93 -13.77 -3.47
N ALA B 235 -16.42 -14.62 -4.34
CA ALA B 235 -16.51 -14.37 -5.78
C ALA B 235 -17.84 -14.86 -6.31
N ALA B 236 -18.61 -15.52 -5.45
CA ALA B 236 -19.86 -16.13 -5.86
C ALA B 236 -20.82 -16.49 -4.70
N LEU B 237 -22.10 -16.61 -5.03
CA LEU B 237 -23.14 -17.16 -4.15
C LEU B 237 -23.76 -16.12 -3.23
#